data_1G49
#
_entry.id   1G49
#
_cell.length_a   37.668
_cell.length_b   77.112
_cell.length_c   106.145
_cell.angle_alpha   90.00
_cell.angle_beta   90.00
_cell.angle_gamma   90.00
#
_symmetry.space_group_name_H-M   'P 21 21 21'
#
loop_
_entity.id
_entity.type
_entity.pdbx_description
1 polymer 'MATRIX METALLOPROTEINASE 3'
2 non-polymer 'ZINC ION'
3 non-polymer 'CALCIUM ION'
4 non-polymer (1N)-4-N-BUTOXYPHENYLSULFONYL-(2R)-N-HYDROXYCARBOXAMIDO-(4S)-METHANESULFONYLAMINO-PYRROLIDINE
5 water water
#
_entity_poly.entity_id   1
_entity_poly.type   'polypeptide(L)'
_entity_poly.pdbx_seq_one_letter_code
;FRTFPGIPKWRKTHLTYRIVNYTPDLPKDAVDSAVEKALKVWEEVTPLTFSRLYEGEADIMISFAVREHGDFYPFDGPGN
VLAHAYAPGPGINGDAHFDDDEQWTKDTTGTNLFLVAAHEIGHSLGLFHSANTEALMYPLYHSLTDLTRFRLSQDDINGI
QSLYGPPPDSPET
;
_entity_poly.pdbx_strand_id   A,B
#
# COMPACT_ATOMS: atom_id res chain seq x y z
N PHE A 1 -18.18 -28.60 -1.06
CA PHE A 1 -17.03 -27.75 -0.61
C PHE A 1 -15.73 -28.55 -0.63
N ARG A 2 -14.60 -27.85 -0.69
CA ARG A 2 -13.31 -28.50 -0.69
C ARG A 2 -12.52 -27.84 0.37
N THR A 3 -11.82 -28.68 1.08
CA THR A 3 -11.01 -28.17 2.11
C THR A 3 -9.68 -28.39 1.41
N PHE A 4 -8.62 -28.01 2.08
CA PHE A 4 -7.34 -27.92 1.42
C PHE A 4 -6.53 -29.18 1.77
N PRO A 5 -5.52 -29.57 1.01
CA PRO A 5 -4.78 -30.82 1.29
C PRO A 5 -4.05 -30.77 2.62
N GLY A 6 -4.38 -31.70 3.51
CA GLY A 6 -3.79 -31.70 4.84
C GLY A 6 -4.72 -31.03 5.82
N ILE A 7 -5.78 -30.40 5.27
CA ILE A 7 -6.78 -29.64 6.02
C ILE A 7 -6.17 -28.70 7.04
N PRO A 8 -5.29 -27.82 6.57
CA PRO A 8 -4.74 -26.83 7.46
C PRO A 8 -5.89 -25.97 7.95
N LYS A 9 -5.87 -25.65 9.23
CA LYS A 9 -6.91 -24.87 9.83
C LYS A 9 -6.32 -24.15 11.03
N TRP A 10 -6.99 -23.09 11.48
CA TRP A 10 -6.54 -22.37 12.66
C TRP A 10 -6.82 -23.22 13.90
N ARG A 11 -5.87 -23.25 14.80
CA ARG A 11 -5.95 -24.10 16.00
C ARG A 11 -6.52 -23.28 17.16
N LYS A 12 -6.92 -22.05 16.86
CA LYS A 12 -7.52 -21.14 17.84
C LYS A 12 -8.77 -20.56 17.22
N THR A 13 -9.67 -20.04 18.04
CA THR A 13 -10.89 -19.46 17.51
C THR A 13 -10.81 -17.97 17.36
N HIS A 14 -9.90 -17.34 18.10
CA HIS A 14 -9.80 -15.91 17.99
C HIS A 14 -8.70 -15.51 17.05
N LEU A 15 -9.09 -14.82 15.97
CA LEU A 15 -8.16 -14.42 14.94
C LEU A 15 -8.06 -12.89 14.81
N THR A 16 -6.85 -12.39 14.61
CA THR A 16 -6.67 -10.98 14.34
C THR A 16 -6.50 -10.67 12.85
N TYR A 17 -6.94 -9.49 12.46
CA TYR A 17 -6.69 -8.99 11.11
C TYR A 17 -6.07 -7.60 11.19
N ARG A 18 -5.33 -7.26 10.15
CA ARG A 18 -4.69 -5.98 10.02
C ARG A 18 -4.83 -5.52 8.57
N ILE A 19 -5.38 -4.33 8.38
CA ILE A 19 -5.50 -3.76 7.04
C ILE A 19 -4.27 -2.89 6.81
N VAL A 20 -3.32 -3.47 6.10
CA VAL A 20 -1.98 -2.94 6.03
C VAL A 20 -1.87 -1.70 5.19
N ASN A 21 -2.70 -1.61 4.17
CA ASN A 21 -2.68 -0.43 3.33
C ASN A 21 -4.06 -0.23 2.72
N TYR A 22 -4.28 0.90 2.02
CA TYR A 22 -5.57 1.19 1.43
C TYR A 22 -5.48 1.48 -0.07
N THR A 23 -6.47 1.03 -0.84
CA THR A 23 -6.52 1.37 -2.28
C THR A 23 -6.96 2.81 -2.49
N PRO A 24 -6.44 3.45 -3.53
CA PRO A 24 -6.94 4.79 -3.92
C PRO A 24 -8.37 4.74 -4.43
N ASP A 25 -8.89 3.56 -4.78
CA ASP A 25 -10.22 3.45 -5.41
C ASP A 25 -11.39 3.87 -4.55
N LEU A 26 -11.22 3.76 -3.24
CA LEU A 26 -12.32 3.96 -2.31
C LEU A 26 -11.93 4.73 -1.11
N PRO A 27 -12.94 5.31 -0.48
CA PRO A 27 -12.80 5.91 0.84
C PRO A 27 -12.29 4.82 1.81
N LYS A 28 -11.41 5.19 2.74
CA LYS A 28 -10.92 4.20 3.71
C LYS A 28 -12.05 3.50 4.46
N ASP A 29 -13.15 4.21 4.76
CA ASP A 29 -14.23 3.54 5.52
C ASP A 29 -15.01 2.52 4.68
N ALA A 30 -14.94 2.65 3.35
CA ALA A 30 -15.56 1.65 2.51
C ALA A 30 -14.68 0.38 2.51
N VAL A 31 -13.36 0.53 2.53
CA VAL A 31 -12.48 -0.64 2.62
C VAL A 31 -12.70 -1.33 3.97
N ASP A 32 -12.80 -0.54 5.03
CA ASP A 32 -13.04 -1.07 6.36
C ASP A 32 -14.34 -1.85 6.45
N SER A 33 -15.41 -1.26 5.93
CA SER A 33 -16.71 -1.92 5.98
C SER A 33 -16.69 -3.19 5.17
N ALA A 34 -16.10 -3.13 3.98
CA ALA A 34 -16.09 -4.35 3.15
C ALA A 34 -15.41 -5.48 3.85
N VAL A 35 -14.24 -5.21 4.42
CA VAL A 35 -13.46 -6.24 5.09
C VAL A 35 -14.21 -6.71 6.33
N GLU A 36 -14.73 -5.77 7.12
CA GLU A 36 -15.49 -6.13 8.32
C GLU A 36 -16.67 -7.05 8.00
N LYS A 37 -17.39 -6.77 6.90
CA LYS A 37 -18.54 -7.59 6.55
C LYS A 37 -18.10 -8.94 6.01
N ALA A 38 -16.94 -8.97 5.37
CA ALA A 38 -16.43 -10.23 4.84
C ALA A 38 -16.10 -11.17 6.00
N LEU A 39 -15.51 -10.63 7.03
CA LEU A 39 -15.20 -11.44 8.21
C LEU A 39 -16.47 -11.95 8.92
N LYS A 40 -17.44 -11.07 8.99
CA LYS A 40 -18.71 -11.31 9.61
C LYS A 40 -19.42 -12.50 9.03
N VAL A 41 -19.42 -12.54 7.70
CA VAL A 41 -20.01 -13.66 6.97
C VAL A 41 -19.60 -14.95 7.61
N TRP A 42 -18.30 -15.11 7.79
CA TRP A 42 -17.78 -16.36 8.33
C TRP A 42 -17.91 -16.44 9.84
N GLU A 43 -17.72 -15.30 10.51
CA GLU A 43 -17.84 -15.24 11.97
C GLU A 43 -19.22 -15.75 12.38
N GLU A 44 -20.21 -15.39 11.59
CA GLU A 44 -21.61 -15.69 11.86
C GLU A 44 -21.96 -17.17 12.02
N VAL A 45 -21.24 -18.03 11.32
CA VAL A 45 -21.64 -19.41 11.27
C VAL A 45 -20.65 -20.37 11.94
N THR A 46 -19.72 -19.81 12.72
CA THR A 46 -18.69 -20.60 13.39
C THR A 46 -18.46 -20.02 14.76
N PRO A 47 -17.60 -20.63 15.56
CA PRO A 47 -17.22 -20.06 16.83
C PRO A 47 -16.00 -19.14 16.67
N LEU A 48 -15.58 -18.85 15.44
CA LEU A 48 -14.49 -17.90 15.22
C LEU A 48 -14.92 -16.50 15.61
N THR A 49 -13.97 -15.72 16.16
CA THR A 49 -14.24 -14.31 16.42
C THR A 49 -13.03 -13.58 15.88
N PHE A 50 -13.19 -12.30 15.56
CA PHE A 50 -12.10 -11.50 14.98
C PHE A 50 -11.88 -10.20 15.74
N SER A 51 -10.63 -9.75 15.81
CA SER A 51 -10.37 -8.42 16.34
C SER A 51 -9.32 -7.81 15.42
N ARG A 52 -9.27 -6.48 15.37
CA ARG A 52 -8.39 -5.78 14.46
C ARG A 52 -7.15 -5.26 15.18
N LEU A 53 -6.04 -5.28 14.49
CA LEU A 53 -4.79 -4.77 15.02
C LEU A 53 -4.35 -3.67 14.09
N TYR A 54 -3.62 -2.71 14.65
CA TYR A 54 -3.13 -1.61 13.87
C TYR A 54 -1.62 -1.59 13.84
N GLU A 55 -1.00 -2.57 14.46
CA GLU A 55 0.46 -2.67 14.45
C GLU A 55 0.77 -4.08 14.75
N GLY A 56 1.97 -4.52 14.42
CA GLY A 56 2.36 -5.89 14.68
C GLY A 56 1.90 -6.84 13.62
N GLU A 57 2.09 -8.13 13.86
CA GLU A 57 1.67 -9.07 12.84
C GLU A 57 0.34 -9.72 13.26
N ALA A 58 -0.73 -9.42 12.53
CA ALA A 58 -2.04 -10.02 12.76
C ALA A 58 -2.01 -11.36 12.02
N ASP A 59 -2.88 -12.29 12.38
CA ASP A 59 -2.96 -13.56 11.68
C ASP A 59 -3.28 -13.33 10.20
N ILE A 60 -4.30 -12.51 9.97
CA ILE A 60 -4.72 -12.22 8.63
C ILE A 60 -4.33 -10.81 8.26
N MET A 61 -3.24 -10.69 7.53
CA MET A 61 -2.78 -9.40 7.04
C MET A 61 -3.42 -9.18 5.67
N ILE A 62 -4.06 -8.02 5.51
CA ILE A 62 -4.78 -7.67 4.30
C ILE A 62 -4.12 -6.48 3.60
N SER A 63 -3.83 -6.63 2.30
CA SER A 63 -3.20 -5.53 1.59
C SER A 63 -3.61 -5.42 0.15
N PHE A 64 -3.32 -4.25 -0.42
CA PHE A 64 -3.54 -4.04 -1.84
C PHE A 64 -2.19 -4.02 -2.49
N ALA A 65 -2.11 -4.56 -3.69
CA ALA A 65 -0.83 -4.67 -4.37
C ALA A 65 -0.99 -4.60 -5.86
N VAL A 66 0.12 -4.34 -6.54
CA VAL A 66 0.17 -4.28 -7.99
C VAL A 66 1.32 -5.11 -8.48
N ARG A 67 1.10 -5.94 -9.49
CA ARG A 67 2.15 -6.80 -10.06
C ARG A 67 2.96 -7.49 -8.97
N GLU A 68 4.29 -7.34 -9.02
CA GLU A 68 5.13 -7.97 -7.99
C GLU A 68 5.02 -7.20 -6.68
N HIS A 69 4.83 -7.96 -5.61
CA HIS A 69 4.55 -7.35 -4.33
C HIS A 69 5.13 -8.05 -3.11
N GLY A 70 6.14 -8.88 -3.30
CA GLY A 70 6.78 -9.41 -2.11
C GLY A 70 6.55 -10.90 -1.93
N ASP A 71 5.85 -11.54 -2.86
CA ASP A 71 5.67 -13.00 -2.79
C ASP A 71 5.97 -13.55 -4.15
N PHE A 72 5.80 -14.86 -4.35
CA PHE A 72 6.16 -15.47 -5.63
C PHE A 72 5.06 -15.39 -6.69
N TYR A 73 3.95 -14.70 -6.39
CA TYR A 73 2.78 -14.69 -7.24
C TYR A 73 2.36 -13.28 -7.68
N PRO A 74 3.09 -12.69 -8.64
CA PRO A 74 2.77 -11.30 -9.00
C PRO A 74 1.36 -11.23 -9.49
N PHE A 75 0.70 -10.13 -9.22
CA PHE A 75 -0.59 -9.89 -9.85
C PHE A 75 -0.41 -9.61 -11.33
N ASP A 76 -1.53 -9.46 -12.03
CA ASP A 76 -1.49 -9.58 -13.48
C ASP A 76 -2.19 -8.46 -14.23
N GLY A 77 -2.31 -7.31 -13.59
CA GLY A 77 -2.93 -6.19 -14.29
C GLY A 77 -4.43 -6.33 -14.23
N PRO A 78 -5.15 -5.54 -15.03
CA PRO A 78 -6.61 -5.52 -14.92
C PRO A 78 -7.28 -6.87 -15.22
N GLY A 79 -8.32 -7.15 -14.46
CA GLY A 79 -9.09 -8.37 -14.60
C GLY A 79 -8.34 -9.65 -14.28
N ASN A 80 -8.97 -10.77 -14.64
CA ASN A 80 -8.39 -12.09 -14.38
C ASN A 80 -8.18 -12.30 -12.84
N VAL A 81 -6.95 -12.52 -12.42
CA VAL A 81 -6.68 -12.71 -10.98
C VAL A 81 -7.05 -11.42 -10.26
N LEU A 82 -8.07 -11.46 -9.39
CA LEU A 82 -8.54 -10.26 -8.68
C LEU A 82 -7.88 -10.10 -7.31
N ALA A 83 -7.45 -11.23 -6.76
CA ALA A 83 -6.88 -11.27 -5.40
C ALA A 83 -6.35 -12.68 -5.17
N HIS A 84 -5.60 -12.86 -4.09
CA HIS A 84 -5.27 -14.25 -3.67
C HIS A 84 -5.14 -14.24 -2.17
N ALA A 85 -5.34 -15.41 -1.56
CA ALA A 85 -5.17 -15.52 -0.11
C ALA A 85 -4.54 -16.89 0.22
N TYR A 86 -3.76 -16.91 1.29
CA TYR A 86 -3.01 -18.13 1.70
C TYR A 86 -3.79 -18.87 2.75
N ALA A 87 -3.73 -20.21 2.71
CA ALA A 87 -4.43 -21.07 3.69
C ALA A 87 -3.85 -20.81 5.10
N PRO A 88 -4.59 -21.21 6.13
CA PRO A 88 -4.21 -21.00 7.54
C PRO A 88 -2.77 -21.43 7.86
N GLY A 89 -2.16 -20.72 8.79
CA GLY A 89 -0.80 -21.02 9.16
C GLY A 89 -0.09 -19.74 9.53
N PRO A 90 1.20 -19.82 9.85
CA PRO A 90 1.94 -18.64 10.32
C PRO A 90 2.54 -17.80 9.20
N GLY A 91 2.88 -16.57 9.56
CA GLY A 91 3.46 -15.64 8.60
C GLY A 91 2.52 -15.25 7.45
N ILE A 92 3.00 -15.43 6.24
CA ILE A 92 2.24 -15.08 5.07
C ILE A 92 1.00 -15.96 4.98
N ASN A 93 0.99 -17.13 5.60
CA ASN A 93 -0.22 -17.97 5.55
C ASN A 93 -1.34 -17.20 6.26
N GLY A 94 -2.58 -17.38 5.79
CA GLY A 94 -3.71 -16.60 6.24
C GLY A 94 -3.85 -15.23 5.56
N ASP A 95 -2.77 -14.69 4.99
CA ASP A 95 -2.81 -13.35 4.43
C ASP A 95 -3.60 -13.27 3.09
N ALA A 96 -4.05 -12.07 2.74
CA ALA A 96 -4.89 -11.91 1.57
C ALA A 96 -4.39 -10.66 0.91
N HIS A 97 -4.15 -10.76 -0.40
CA HIS A 97 -3.62 -9.67 -1.22
C HIS A 97 -4.65 -9.38 -2.30
N PHE A 98 -4.95 -8.12 -2.51
CA PHE A 98 -5.96 -7.71 -3.48
C PHE A 98 -5.27 -6.91 -4.57
N ASP A 99 -5.50 -7.29 -5.82
CA ASP A 99 -4.87 -6.61 -6.95
C ASP A 99 -5.44 -5.20 -7.21
N ASP A 100 -4.63 -4.18 -7.00
CA ASP A 100 -5.16 -2.83 -7.21
C ASP A 100 -5.20 -2.45 -8.67
N ASP A 101 -4.79 -3.35 -9.57
CA ASP A 101 -5.06 -3.08 -10.95
C ASP A 101 -6.55 -3.29 -11.30
N GLU A 102 -7.30 -3.79 -10.32
CA GLU A 102 -8.75 -3.81 -10.43
C GLU A 102 -9.30 -2.50 -9.89
N GLN A 103 -10.53 -2.17 -10.27
CA GLN A 103 -11.21 -1.00 -9.73
C GLN A 103 -12.19 -1.47 -8.66
N TRP A 104 -11.79 -1.35 -7.38
CA TRP A 104 -12.57 -1.90 -6.26
C TRP A 104 -13.71 -0.97 -5.95
N THR A 105 -14.91 -1.52 -5.87
CA THR A 105 -16.07 -0.69 -5.61
C THR A 105 -16.90 -1.19 -4.49
N LYS A 106 -17.80 -0.33 -3.99
CA LYS A 106 -18.67 -0.72 -2.89
C LYS A 106 -19.87 -1.37 -3.48
N ASP A 107 -20.06 -1.15 -4.76
CA ASP A 107 -21.19 -1.70 -5.46
C ASP A 107 -20.62 -2.58 -6.53
N THR A 108 -21.39 -2.85 -7.56
CA THR A 108 -20.97 -3.71 -8.62
C THR A 108 -20.48 -3.02 -9.90
N THR A 109 -20.17 -1.72 -9.83
CA THR A 109 -19.75 -1.03 -11.07
C THR A 109 -18.31 -1.37 -11.47
N GLY A 110 -17.55 -1.86 -10.50
CA GLY A 110 -16.20 -2.35 -10.73
C GLY A 110 -16.09 -3.75 -10.13
N THR A 111 -15.03 -4.01 -9.39
CA THR A 111 -14.88 -5.31 -8.74
C THR A 111 -15.34 -5.13 -7.32
N ASN A 112 -16.38 -5.83 -6.92
CA ASN A 112 -16.92 -5.62 -5.57
C ASN A 112 -15.97 -6.11 -4.49
N LEU A 113 -15.48 -5.19 -3.66
CA LEU A 113 -14.51 -5.51 -2.65
C LEU A 113 -15.08 -6.46 -1.58
N PHE A 114 -16.29 -6.20 -1.11
CA PHE A 114 -16.83 -7.13 -0.12
C PHE A 114 -16.89 -8.61 -0.63
N LEU A 115 -17.32 -8.80 -1.87
CA LEU A 115 -17.50 -10.15 -2.41
C LEU A 115 -16.18 -10.86 -2.57
N VAL A 116 -15.19 -10.19 -3.18
CA VAL A 116 -13.91 -10.86 -3.36
C VAL A 116 -13.27 -11.09 -1.98
N ALA A 117 -13.47 -10.15 -1.08
CA ALA A 117 -12.87 -10.28 0.25
C ALA A 117 -13.51 -11.43 1.03
N ALA A 118 -14.82 -11.58 0.90
CA ALA A 118 -15.50 -12.70 1.59
C ALA A 118 -14.97 -14.05 1.07
N HIS A 119 -14.82 -14.16 -0.26
CA HIS A 119 -14.19 -15.31 -0.89
C HIS A 119 -12.75 -15.50 -0.40
N GLU A 120 -11.94 -14.45 -0.44
CA GLU A 120 -10.55 -14.65 -0.05
C GLU A 120 -10.43 -15.06 1.43
N ILE A 121 -11.27 -14.51 2.30
CA ILE A 121 -11.14 -14.86 3.69
C ILE A 121 -11.54 -16.33 3.84
N GLY A 122 -12.43 -16.82 2.97
CA GLY A 122 -12.70 -18.26 2.94
C GLY A 122 -11.39 -19.05 2.80
N HIS A 123 -10.55 -18.63 1.85
CA HIS A 123 -9.23 -19.24 1.73
C HIS A 123 -8.39 -19.09 3.01
N SER A 124 -8.31 -17.87 3.53
CA SER A 124 -7.54 -17.61 4.75
C SER A 124 -7.99 -18.47 5.94
N LEU A 125 -9.22 -18.99 5.89
CA LEU A 125 -9.81 -19.79 6.98
C LEU A 125 -9.71 -21.31 6.75
N GLY A 126 -9.34 -21.72 5.54
CA GLY A 126 -9.17 -23.15 5.28
C GLY A 126 -10.03 -23.75 4.20
N LEU A 127 -10.81 -22.93 3.51
CA LEU A 127 -11.62 -23.47 2.41
C LEU A 127 -10.94 -23.24 1.06
N PHE A 128 -10.91 -24.30 0.24
CA PHE A 128 -10.33 -24.23 -1.09
C PHE A 128 -11.57 -24.02 -2.04
N HIS A 129 -11.51 -24.27 -3.36
CA HIS A 129 -12.66 -23.98 -4.21
C HIS A 129 -13.75 -25.03 -4.12
N SER A 130 -14.98 -24.62 -4.26
CA SER A 130 -16.04 -25.59 -4.21
C SER A 130 -16.44 -25.99 -5.62
N ALA A 131 -16.97 -27.20 -5.78
CA ALA A 131 -17.50 -27.62 -7.10
C ALA A 131 -18.92 -27.08 -7.27
N ASN A 132 -19.53 -26.60 -6.18
CA ASN A 132 -20.90 -26.14 -6.22
C ASN A 132 -21.06 -24.71 -6.77
N THR A 133 -21.90 -24.55 -7.80
CA THR A 133 -22.06 -23.26 -8.46
C THR A 133 -22.67 -22.09 -7.68
N GLU A 134 -23.40 -22.36 -6.61
CA GLU A 134 -23.98 -21.23 -5.87
C GLU A 134 -23.14 -20.94 -4.62
N ALA A 135 -21.98 -21.58 -4.51
CA ALA A 135 -21.11 -21.32 -3.34
C ALA A 135 -20.25 -20.08 -3.53
N LEU A 136 -20.05 -19.33 -2.45
CA LEU A 136 -19.13 -18.19 -2.45
C LEU A 136 -17.74 -18.67 -2.88
N MET A 137 -17.38 -19.87 -2.41
CA MET A 137 -16.08 -20.49 -2.71
C MET A 137 -15.98 -21.07 -4.12
N TYR A 138 -17.01 -20.86 -4.93
CA TYR A 138 -16.89 -21.19 -6.37
C TYR A 138 -15.96 -20.13 -7.00
N PRO A 139 -14.99 -20.58 -7.83
CA PRO A 139 -14.00 -19.71 -8.46
C PRO A 139 -14.57 -18.58 -9.31
N LEU A 140 -15.87 -18.55 -9.47
CA LEU A 140 -16.44 -17.68 -10.49
C LEU A 140 -16.96 -16.33 -10.08
N TYR A 141 -16.15 -15.28 -10.22
CA TYR A 141 -16.67 -13.94 -10.00
C TYR A 141 -17.65 -13.63 -11.13
N HIS A 142 -18.93 -13.47 -10.80
CA HIS A 142 -19.86 -12.91 -11.76
C HIS A 142 -19.94 -11.51 -11.16
N SER A 143 -20.27 -10.50 -11.97
CA SER A 143 -20.48 -9.16 -11.43
C SER A 143 -21.87 -9.10 -10.80
N LEU A 144 -22.13 -9.96 -9.80
CA LEU A 144 -23.43 -10.00 -9.14
C LEU A 144 -23.92 -8.62 -8.75
N THR A 145 -24.69 -7.96 -9.61
CA THR A 145 -25.25 -6.64 -9.28
C THR A 145 -26.03 -6.76 -7.96
N ASP A 146 -26.73 -7.89 -7.81
CA ASP A 146 -27.53 -8.15 -6.62
C ASP A 146 -26.78 -8.62 -5.38
N LEU A 147 -26.13 -7.68 -4.69
CA LEU A 147 -25.47 -7.96 -3.43
C LEU A 147 -26.51 -7.80 -2.34
N THR A 148 -27.64 -7.20 -2.69
CA THR A 148 -28.76 -7.02 -1.77
C THR A 148 -29.28 -8.37 -1.25
N ARG A 149 -29.13 -9.42 -2.05
CA ARG A 149 -29.61 -10.76 -1.73
C ARG A 149 -28.57 -11.71 -1.13
N PHE A 150 -27.35 -11.23 -0.91
CA PHE A 150 -26.28 -12.13 -0.55
C PHE A 150 -26.51 -12.99 0.69
N ARG A 151 -26.19 -14.27 0.60
CA ARG A 151 -26.31 -15.21 1.72
C ARG A 151 -25.22 -16.28 1.53
N LEU A 152 -24.54 -16.65 2.59
CA LEU A 152 -23.56 -17.72 2.46
C LEU A 152 -24.38 -18.94 2.10
N SER A 153 -23.93 -19.64 1.09
CA SER A 153 -24.63 -20.85 0.69
C SER A 153 -24.41 -21.96 1.72
N GLN A 154 -25.34 -22.92 1.72
CA GLN A 154 -25.19 -24.05 2.65
C GLN A 154 -23.87 -24.78 2.43
N ASP A 155 -23.44 -24.87 1.19
CA ASP A 155 -22.18 -25.57 0.91
C ASP A 155 -21.01 -24.86 1.61
N ASP A 156 -21.03 -23.54 1.59
CA ASP A 156 -19.99 -22.76 2.29
C ASP A 156 -20.11 -22.99 3.81
N ILE A 157 -21.34 -23.00 4.32
CA ILE A 157 -21.53 -23.19 5.77
C ILE A 157 -21.07 -24.61 6.13
N ASN A 158 -21.38 -25.57 5.28
CA ASN A 158 -20.97 -26.95 5.57
C ASN A 158 -19.45 -27.04 5.63
N GLY A 159 -18.79 -26.48 4.62
CA GLY A 159 -17.34 -26.53 4.55
C GLY A 159 -16.73 -25.85 5.78
N ILE A 160 -17.14 -24.62 6.10
CA ILE A 160 -16.49 -23.91 7.21
C ILE A 160 -16.78 -24.55 8.57
N GLN A 161 -17.97 -25.11 8.74
CA GLN A 161 -18.34 -25.76 10.02
C GLN A 161 -17.65 -27.13 10.17
N SER A 162 -17.31 -27.73 9.04
CA SER A 162 -16.57 -29.00 9.02
C SER A 162 -15.16 -28.75 9.59
N LEU A 163 -14.69 -27.52 9.46
CA LEU A 163 -13.39 -27.16 10.03
C LEU A 163 -13.49 -26.74 11.50
N TYR A 164 -14.40 -25.83 11.78
CA TYR A 164 -14.46 -25.22 13.11
C TYR A 164 -15.75 -25.46 13.88
N GLY A 165 -16.70 -26.15 13.29
CA GLY A 165 -17.95 -26.39 13.99
C GLY A 165 -18.92 -25.22 13.85
N PRO A 166 -20.14 -25.38 14.34
CA PRO A 166 -21.17 -24.34 14.29
C PRO A 166 -20.98 -23.35 15.43
N PRO A 167 -21.79 -22.31 15.49
CA PRO A 167 -21.73 -21.35 16.59
C PRO A 167 -22.21 -22.02 17.89
N PRO A 168 -21.54 -21.72 18.99
CA PRO A 168 -21.82 -22.34 20.30
C PRO A 168 -23.21 -22.09 20.97
N ASP A 169 -23.91 -20.98 20.68
CA ASP A 169 -25.15 -20.78 21.43
C ASP A 169 -26.21 -19.91 20.77
N PHE B 1 26.60 19.00 -1.43
CA PHE B 1 25.61 18.08 -2.08
C PHE B 1 26.35 17.04 -2.86
N ARG B 2 25.79 15.86 -3.05
CA ARG B 2 26.40 14.85 -3.91
C ARG B 2 25.35 14.38 -4.94
N THR B 3 25.81 13.86 -6.08
CA THR B 3 24.92 13.25 -7.04
C THR B 3 25.16 11.73 -7.03
N PHE B 4 24.33 11.00 -7.77
CA PHE B 4 24.49 9.54 -7.91
C PHE B 4 25.54 9.29 -8.98
N PRO B 5 26.14 8.10 -8.97
CA PRO B 5 27.13 7.84 -10.00
C PRO B 5 26.55 8.03 -11.41
N GLY B 6 27.28 8.88 -12.12
CA GLY B 6 26.96 9.23 -13.47
C GLY B 6 26.01 10.39 -13.56
N ILE B 7 25.55 10.95 -12.44
CA ILE B 7 24.65 12.11 -12.55
C ILE B 7 23.39 11.82 -13.37
N PRO B 8 22.65 10.77 -13.00
CA PRO B 8 21.40 10.46 -13.72
C PRO B 8 20.43 11.58 -13.40
N LYS B 9 19.72 12.06 -14.40
CA LYS B 9 18.75 13.11 -14.14
C LYS B 9 17.69 12.96 -15.19
N TRP B 10 16.51 13.51 -14.91
CA TRP B 10 15.42 13.43 -15.86
C TRP B 10 15.81 14.30 -17.10
N ARG B 11 15.48 13.80 -18.28
CA ARG B 11 15.71 14.43 -19.58
C ARG B 11 14.59 15.41 -19.79
N LYS B 12 13.49 15.24 -19.07
CA LYS B 12 12.34 16.13 -19.18
C LYS B 12 12.22 17.04 -17.97
N THR B 13 11.36 18.06 -18.05
CA THR B 13 11.18 18.96 -16.92
C THR B 13 9.83 18.79 -16.33
N HIS B 14 8.90 18.22 -17.09
CA HIS B 14 7.59 17.98 -16.55
C HIS B 14 7.44 16.49 -16.18
N LEU B 15 7.23 16.22 -14.90
CA LEU B 15 7.23 14.83 -14.43
C LEU B 15 5.87 14.48 -13.91
N THR B 16 5.48 13.20 -14.05
CA THR B 16 4.21 12.81 -13.45
C THR B 16 4.48 12.06 -12.15
N TYR B 17 3.52 12.12 -11.25
CA TYR B 17 3.60 11.23 -10.09
C TYR B 17 2.25 10.56 -9.90
N ARG B 18 2.27 9.48 -9.14
CA ARG B 18 1.07 8.76 -8.81
C ARG B 18 1.19 8.19 -7.40
N ILE B 19 0.16 8.38 -6.60
CA ILE B 19 0.14 7.81 -5.25
C ILE B 19 -0.60 6.50 -5.45
N VAL B 20 0.16 5.41 -5.40
CA VAL B 20 -0.33 4.07 -5.73
C VAL B 20 -1.19 3.44 -4.64
N ASN B 21 -0.84 3.74 -3.39
CA ASN B 21 -1.61 3.22 -2.27
C ASN B 21 -1.51 4.23 -1.10
N TYR B 22 -2.25 3.97 -0.01
CA TYR B 22 -2.34 4.88 1.08
C TYR B 22 -2.10 4.17 2.40
N THR B 23 -1.41 4.86 3.33
CA THR B 23 -1.07 4.34 4.65
C THR B 23 -2.29 4.41 5.54
N PRO B 24 -2.44 3.48 6.48
CA PRO B 24 -3.52 3.58 7.48
C PRO B 24 -3.29 4.76 8.42
N ASP B 25 -2.06 5.26 8.51
CA ASP B 25 -1.68 6.26 9.52
C ASP B 25 -2.41 7.60 9.43
N LEU B 26 -2.85 7.96 8.25
CA LEU B 26 -3.42 9.26 8.04
C LEU B 26 -4.60 9.19 7.05
N PRO B 27 -5.42 10.24 7.05
CA PRO B 27 -6.46 10.36 6.05
C PRO B 27 -5.78 10.56 4.71
N LYS B 28 -6.42 10.08 3.66
CA LYS B 28 -5.85 10.24 2.32
C LYS B 28 -5.46 11.65 1.96
N ASP B 29 -6.33 12.60 2.28
CA ASP B 29 -6.08 14.01 1.95
C ASP B 29 -4.76 14.51 2.56
N ALA B 30 -4.42 14.05 3.78
CA ALA B 30 -3.17 14.47 4.44
C ALA B 30 -2.00 13.89 3.72
N VAL B 31 -2.13 12.64 3.24
CA VAL B 31 -1.04 12.05 2.48
C VAL B 31 -0.84 12.84 1.20
N ASP B 32 -1.93 13.14 0.49
CA ASP B 32 -1.80 13.88 -0.77
C ASP B 32 -1.19 15.27 -0.52
N SER B 33 -1.59 15.90 0.57
CA SER B 33 -1.09 17.26 0.81
C SER B 33 0.38 17.21 1.05
N ALA B 34 0.78 16.24 1.88
CA ALA B 34 2.18 16.08 2.24
C ALA B 34 2.96 15.83 0.99
N VAL B 35 2.44 14.98 0.12
CA VAL B 35 3.17 14.68 -1.13
C VAL B 35 3.20 15.90 -2.05
N GLU B 36 2.09 16.59 -2.19
CA GLU B 36 2.06 17.81 -3.03
C GLU B 36 3.07 18.83 -2.52
N LYS B 37 3.10 19.00 -1.20
CA LYS B 37 4.04 19.89 -0.57
C LYS B 37 5.50 19.52 -0.84
N ALA B 38 5.79 18.23 -0.76
CA ALA B 38 7.12 17.76 -0.95
C ALA B 38 7.60 18.04 -2.36
N LEU B 39 6.73 17.86 -3.35
CA LEU B 39 7.03 18.07 -4.76
C LEU B 39 7.23 19.57 -5.02
N LYS B 40 6.36 20.38 -4.42
CA LYS B 40 6.44 21.84 -4.58
C LYS B 40 7.77 22.43 -4.07
N VAL B 41 8.27 21.88 -2.97
CA VAL B 41 9.58 22.28 -2.47
C VAL B 41 10.65 22.28 -3.57
N TRP B 42 10.64 21.27 -4.42
CA TRP B 42 11.65 21.22 -5.49
C TRP B 42 11.25 22.00 -6.71
N GLU B 43 9.95 22.01 -6.97
CA GLU B 43 9.40 22.82 -8.06
C GLU B 43 9.74 24.29 -7.92
N GLU B 44 9.70 24.82 -6.71
CA GLU B 44 9.92 26.27 -6.57
C GLU B 44 11.36 26.74 -6.78
N VAL B 45 12.32 25.82 -6.79
CA VAL B 45 13.72 26.19 -6.98
C VAL B 45 14.35 25.64 -8.29
N THR B 46 13.51 25.12 -9.19
CA THR B 46 13.93 24.60 -10.50
C THR B 46 12.85 24.80 -11.55
N PRO B 47 13.11 24.43 -12.79
CA PRO B 47 12.10 24.50 -13.84
C PRO B 47 11.18 23.26 -13.83
N LEU B 48 11.46 22.29 -12.96
CA LEU B 48 10.63 21.07 -12.91
C LEU B 48 9.19 21.36 -12.50
N THR B 49 8.22 20.73 -13.16
CA THR B 49 6.83 20.79 -12.68
C THR B 49 6.33 19.35 -12.58
N PHE B 50 5.30 19.17 -11.78
CA PHE B 50 4.78 17.83 -11.51
C PHE B 50 3.29 17.79 -11.77
N SER B 51 2.81 16.64 -12.23
CA SER B 51 1.39 16.45 -12.51
C SER B 51 1.01 15.06 -11.99
N ARG B 52 -0.19 14.94 -11.44
CA ARG B 52 -0.68 13.72 -10.84
C ARG B 52 -1.45 12.85 -11.82
N LEU B 53 -1.17 11.57 -11.75
CA LEU B 53 -1.86 10.58 -12.56
C LEU B 53 -2.55 9.63 -11.62
N TYR B 54 -3.74 9.13 -11.97
CA TYR B 54 -4.52 8.25 -11.09
C TYR B 54 -4.51 6.80 -11.56
N GLU B 55 -3.97 6.58 -12.74
CA GLU B 55 -3.80 5.23 -13.27
C GLU B 55 -2.61 5.29 -14.23
N GLY B 56 -2.11 4.13 -14.64
CA GLY B 56 -1.00 4.10 -15.57
C GLY B 56 0.32 4.33 -14.83
N GLU B 57 1.40 4.34 -15.59
CA GLU B 57 2.71 4.44 -14.99
C GLU B 57 3.12 5.89 -14.97
N ALA B 58 3.26 6.44 -13.78
CA ALA B 58 3.76 7.83 -13.63
C ALA B 58 5.26 7.70 -13.47
N ASP B 59 6.01 8.74 -13.81
CA ASP B 59 7.47 8.69 -13.63
C ASP B 59 7.82 8.34 -12.20
N ILE B 60 7.18 9.03 -11.27
CA ILE B 60 7.49 8.82 -9.88
C ILE B 60 6.32 8.10 -9.20
N MET B 61 6.44 6.79 -8.99
CA MET B 61 5.39 6.05 -8.36
C MET B 61 5.67 6.03 -6.88
N ILE B 62 4.66 6.41 -6.09
CA ILE B 62 4.81 6.57 -4.67
C ILE B 62 3.89 5.56 -3.98
N SER B 63 4.48 4.77 -3.08
CA SER B 63 3.67 3.78 -2.37
C SER B 63 4.13 3.59 -0.91
N PHE B 64 3.25 3.02 -0.09
CA PHE B 64 3.59 2.61 1.26
C PHE B 64 3.82 1.11 1.21
N ALA B 65 4.80 0.65 1.98
CA ALA B 65 5.15 -0.77 1.99
C ALA B 65 5.57 -1.22 3.39
N VAL B 66 5.47 -2.53 3.60
CA VAL B 66 5.94 -3.23 4.80
C VAL B 66 6.84 -4.39 4.38
N ARG B 67 8.00 -4.53 5.05
CA ARG B 67 8.94 -5.63 4.79
C ARG B 67 9.20 -5.91 3.30
N GLU B 68 9.08 -7.15 2.83
CA GLU B 68 9.26 -7.39 1.38
C GLU B 68 8.07 -6.86 0.58
N HIS B 69 8.36 -6.17 -0.49
CA HIS B 69 7.30 -5.49 -1.25
C HIS B 69 7.52 -5.45 -2.72
N GLY B 70 8.22 -6.45 -3.21
CA GLY B 70 8.38 -6.57 -4.62
C GLY B 70 9.52 -5.81 -5.27
N ASP B 71 10.49 -5.37 -4.51
CA ASP B 71 11.71 -4.78 -5.10
C ASP B 71 12.96 -5.43 -4.47
N PHE B 72 14.15 -4.97 -4.78
CA PHE B 72 15.35 -5.61 -4.22
C PHE B 72 15.59 -5.33 -2.75
N TYR B 73 14.88 -4.37 -2.16
CA TYR B 73 15.22 -3.95 -0.82
C TYR B 73 14.05 -3.99 0.16
N PRO B 74 13.92 -5.10 0.87
CA PRO B 74 12.87 -5.21 1.88
C PRO B 74 13.02 -4.13 2.93
N PHE B 75 11.89 -3.65 3.42
CA PHE B 75 11.98 -2.73 4.56
C PHE B 75 12.25 -3.52 5.81
N ASP B 76 12.53 -2.82 6.89
CA ASP B 76 13.02 -3.45 8.13
C ASP B 76 12.19 -3.31 9.40
N GLY B 77 10.88 -3.21 9.27
CA GLY B 77 10.07 -2.98 10.46
C GLY B 77 10.22 -1.57 11.03
N PRO B 78 9.66 -1.36 12.21
CA PRO B 78 9.65 -0.01 12.79
C PRO B 78 11.05 0.53 13.07
N GLY B 79 11.26 1.82 12.83
CA GLY B 79 12.54 2.41 13.09
C GLY B 79 13.50 2.19 11.95
N ASN B 80 14.77 2.53 12.19
CA ASN B 80 15.79 2.39 11.17
C ASN B 80 15.37 3.00 9.83
N VAL B 81 15.51 2.23 8.74
CA VAL B 81 15.16 2.79 7.42
C VAL B 81 13.70 3.23 7.34
N LEU B 82 13.44 4.47 6.99
CA LEU B 82 12.06 4.96 7.00
C LEU B 82 11.46 4.89 5.57
N ALA B 83 12.33 5.01 4.59
CA ALA B 83 11.89 4.98 3.23
C ALA B 83 13.09 4.93 2.34
N HIS B 84 12.84 4.64 1.07
CA HIS B 84 13.89 4.72 0.07
C HIS B 84 13.32 5.10 -1.31
N ALA B 85 14.20 5.61 -2.16
CA ALA B 85 13.79 6.05 -3.49
C ALA B 85 14.93 5.79 -4.47
N TYR B 86 14.57 5.78 -5.72
CA TYR B 86 15.46 5.43 -6.81
C TYR B 86 15.79 6.65 -7.64
N ALA B 87 17.04 6.72 -8.09
CA ALA B 87 17.47 7.84 -8.98
C ALA B 87 16.62 7.85 -10.27
N PRO B 88 16.59 8.97 -10.98
CA PRO B 88 15.83 9.13 -12.25
C PRO B 88 16.16 8.05 -13.28
N GLY B 89 15.13 7.62 -14.02
CA GLY B 89 15.25 6.62 -15.05
C GLY B 89 13.89 6.00 -15.22
N PRO B 90 13.78 5.01 -16.10
CA PRO B 90 12.51 4.36 -16.39
C PRO B 90 12.13 3.31 -15.35
N GLY B 91 10.91 2.79 -15.42
CA GLY B 91 10.53 1.71 -14.51
C GLY B 91 10.56 2.08 -13.06
N ILE B 92 11.30 1.31 -12.26
CA ILE B 92 11.38 1.56 -10.83
C ILE B 92 12.15 2.84 -10.53
N ASN B 93 13.03 3.23 -11.44
CA ASN B 93 13.80 4.43 -11.20
C ASN B 93 12.83 5.61 -11.01
N GLY B 94 13.22 6.59 -10.18
CA GLY B 94 12.34 7.69 -9.81
C GLY B 94 11.29 7.36 -8.73
N ASP B 95 11.02 6.08 -8.48
CA ASP B 95 9.95 5.69 -7.52
C ASP B 95 10.37 5.90 -6.07
N ALA B 96 9.41 6.08 -5.19
CA ALA B 96 9.71 6.26 -3.78
C ALA B 96 8.78 5.40 -2.96
N HIS B 97 9.33 4.75 -1.94
CA HIS B 97 8.60 3.82 -1.13
C HIS B 97 8.76 4.26 0.29
N PHE B 98 7.66 4.20 1.03
CA PHE B 98 7.68 4.59 2.44
C PHE B 98 7.31 3.38 3.35
N ASP B 99 8.08 3.17 4.40
CA ASP B 99 7.85 2.03 5.30
C ASP B 99 6.67 2.27 6.24
N ASP B 100 5.62 1.49 6.06
CA ASP B 100 4.42 1.70 6.84
C ASP B 100 4.52 1.13 8.25
N ASP B 101 5.66 0.50 8.55
CA ASP B 101 5.93 0.10 9.94
C ASP B 101 6.36 1.34 10.74
N GLU B 102 6.50 2.48 10.04
CA GLU B 102 6.74 3.75 10.73
C GLU B 102 5.35 4.37 10.90
N GLN B 103 5.21 5.26 11.84
CA GLN B 103 3.95 5.97 12.02
C GLN B 103 4.04 7.34 11.37
N TRP B 104 3.42 7.47 10.22
CA TRP B 104 3.54 8.71 9.45
C TRP B 104 2.62 9.77 9.99
N THR B 105 3.17 10.98 10.19
CA THR B 105 2.37 12.03 10.75
C THR B 105 2.43 13.31 9.95
N LYS B 106 1.47 14.16 10.24
CA LYS B 106 1.41 15.44 9.58
C LYS B 106 2.25 16.43 10.39
N ASP B 107 2.50 16.12 11.67
CA ASP B 107 3.35 16.95 12.53
C ASP B 107 4.65 16.19 12.89
N THR B 108 5.26 16.53 14.02
CA THR B 108 6.54 15.95 14.41
C THR B 108 6.45 14.84 15.47
N THR B 109 5.26 14.33 15.68
CA THR B 109 5.01 13.31 16.71
C THR B 109 5.46 11.88 16.33
N GLY B 110 5.36 11.55 15.05
CA GLY B 110 5.83 10.23 14.63
C GLY B 110 6.90 10.45 13.59
N THR B 111 6.72 9.91 12.41
CA THR B 111 7.68 10.22 11.36
C THR B 111 6.98 11.19 10.42
N ASN B 112 7.56 12.37 10.21
CA ASN B 112 6.91 13.37 9.34
C ASN B 112 6.91 12.98 7.89
N LEU B 113 5.72 12.80 7.34
CA LEU B 113 5.64 12.32 5.95
C LEU B 113 6.22 13.37 4.98
N PHE B 114 5.89 14.63 5.20
CA PHE B 114 6.31 15.69 4.29
C PHE B 114 7.85 15.77 4.25
N LEU B 115 8.49 15.78 5.42
CA LEU B 115 9.94 15.90 5.46
C LEU B 115 10.59 14.70 4.77
N VAL B 116 10.16 13.49 5.14
CA VAL B 116 10.76 12.34 4.49
C VAL B 116 10.46 12.30 2.99
N ALA B 117 9.24 12.67 2.62
CA ALA B 117 8.89 12.67 1.21
C ALA B 117 9.75 13.67 0.45
N ALA B 118 9.89 14.86 1.01
CA ALA B 118 10.74 15.84 0.36
C ALA B 118 12.15 15.30 0.12
N HIS B 119 12.69 14.64 1.15
CA HIS B 119 14.01 14.04 1.07
C HIS B 119 13.97 12.93 0.00
N GLU B 120 13.00 12.03 0.03
CA GLU B 120 12.93 10.94 -0.98
C GLU B 120 12.81 11.50 -2.41
N ILE B 121 11.96 12.47 -2.58
CA ILE B 121 11.78 13.02 -3.88
C ILE B 121 13.10 13.66 -4.37
N GLY B 122 13.95 14.13 -3.44
CA GLY B 122 15.25 14.63 -3.84
C GLY B 122 16.03 13.47 -4.51
N HIS B 123 15.89 12.27 -3.95
CA HIS B 123 16.51 11.11 -4.57
C HIS B 123 15.92 10.83 -5.92
N SER B 124 14.59 10.81 -5.98
CA SER B 124 13.93 10.61 -7.31
C SER B 124 14.40 11.59 -8.37
N LEU B 125 14.94 12.71 -7.93
CA LEU B 125 15.38 13.74 -8.88
C LEU B 125 16.86 13.72 -9.18
N GLY B 126 17.65 12.89 -8.50
CA GLY B 126 19.07 12.80 -8.77
C GLY B 126 20.00 13.28 -7.67
N LEU B 127 19.43 13.72 -6.55
CA LEU B 127 20.24 14.08 -5.41
C LEU B 127 20.49 12.86 -4.52
N PHE B 128 21.76 12.66 -4.19
CA PHE B 128 22.15 11.59 -3.26
C PHE B 128 22.30 12.24 -1.87
N HIS B 129 22.91 11.53 -0.93
CA HIS B 129 23.05 12.02 0.44
C HIS B 129 24.12 13.10 0.55
N SER B 130 23.74 14.22 1.17
CA SER B 130 24.63 15.34 1.44
C SER B 130 25.53 15.12 2.67
N ALA B 131 26.66 15.83 2.68
CA ALA B 131 27.58 15.76 3.81
C ALA B 131 27.26 16.87 4.78
N ASN B 132 26.48 17.84 4.30
CA ASN B 132 26.08 19.03 5.04
C ASN B 132 24.93 18.74 6.00
N THR B 133 25.18 18.89 7.30
CA THR B 133 24.21 18.53 8.34
C THR B 133 22.93 19.33 8.33
N GLU B 134 22.93 20.49 7.71
CA GLU B 134 21.71 21.27 7.65
C GLU B 134 20.87 20.98 6.42
N ALA B 135 21.27 20.03 5.62
CA ALA B 135 20.51 19.82 4.38
C ALA B 135 19.36 18.83 4.53
N LEU B 136 18.30 19.06 3.76
CA LEU B 136 17.21 18.11 3.69
C LEU B 136 17.81 16.75 3.31
N MET B 137 18.80 16.76 2.39
CA MET B 137 19.42 15.54 1.90
C MET B 137 20.45 14.86 2.82
N TYR B 138 20.59 15.34 4.06
CA TYR B 138 21.54 14.71 5.00
C TYR B 138 20.84 13.46 5.54
N PRO B 139 21.52 12.31 5.52
CA PRO B 139 20.93 11.01 5.88
C PRO B 139 20.61 10.79 7.35
N LEU B 140 20.27 11.86 8.05
CA LEU B 140 19.84 11.70 9.44
C LEU B 140 18.49 12.34 9.55
N TYR B 141 17.53 11.57 10.04
CA TYR B 141 16.25 12.15 10.34
C TYR B 141 16.49 12.88 11.65
N HIS B 142 16.81 14.17 11.56
CA HIS B 142 17.04 15.02 12.73
C HIS B 142 15.75 15.05 13.54
N SER B 143 15.88 15.53 14.76
CA SER B 143 14.75 15.71 15.66
C SER B 143 14.42 17.23 15.74
N LEU B 144 14.35 17.84 14.57
CA LEU B 144 13.96 19.23 14.39
C LEU B 144 12.57 19.40 14.99
N THR B 145 12.23 20.64 15.38
CA THR B 145 10.92 20.91 16.03
C THR B 145 9.82 21.78 15.36
N ASP B 146 10.18 22.59 14.37
CA ASP B 146 9.24 23.52 13.74
C ASP B 146 9.28 23.37 12.22
N LEU B 147 8.12 23.13 11.59
CA LEU B 147 8.08 22.92 10.16
C LEU B 147 7.70 24.16 9.40
N THR B 148 7.82 25.30 10.07
CA THR B 148 7.54 26.57 9.41
C THR B 148 8.85 27.27 9.09
N ARG B 149 9.89 26.89 9.83
CA ARG B 149 11.22 27.34 9.45
C ARG B 149 11.83 26.31 8.50
N PHE B 150 11.11 26.00 7.42
CA PHE B 150 11.58 25.01 6.44
C PHE B 150 11.70 25.53 5.03
N ARG B 151 12.93 25.64 4.57
CA ARG B 151 13.17 25.91 3.19
C ARG B 151 14.30 25.00 3.05
N LEU B 152 14.61 24.68 1.82
CA LEU B 152 15.76 23.90 1.54
C LEU B 152 16.95 24.74 2.01
N SER B 153 18.02 24.05 2.39
CA SER B 153 19.26 24.68 2.70
C SER B 153 19.82 25.08 1.34
N GLN B 154 20.83 25.94 1.36
CA GLN B 154 21.42 26.41 0.11
C GLN B 154 22.10 25.23 -0.54
N ASP B 155 22.65 24.36 0.28
CA ASP B 155 23.31 23.17 -0.25
C ASP B 155 22.33 22.36 -1.10
N ASP B 156 21.13 22.11 -0.59
CA ASP B 156 20.13 21.38 -1.38
C ASP B 156 19.85 22.18 -2.64
N ILE B 157 19.80 23.50 -2.52
CA ILE B 157 19.49 24.31 -3.69
C ILE B 157 20.58 24.16 -4.73
N ASN B 158 21.85 24.30 -4.30
CA ASN B 158 22.96 24.18 -5.27
C ASN B 158 22.95 22.85 -5.99
N GLY B 159 22.74 21.77 -5.24
CA GLY B 159 22.65 20.45 -5.85
C GLY B 159 21.53 20.31 -6.87
N ILE B 160 20.30 20.67 -6.49
CA ILE B 160 19.24 20.44 -7.45
C ILE B 160 19.39 21.40 -8.66
N GLN B 161 19.94 22.57 -8.42
CA GLN B 161 20.11 23.54 -9.50
C GLN B 161 21.30 23.15 -10.34
N SER B 162 22.19 22.41 -9.72
CA SER B 162 23.36 21.88 -10.42
C SER B 162 22.95 20.90 -11.50
N LEU B 163 21.78 20.29 -11.28
CA LEU B 163 21.23 19.33 -12.20
C LEU B 163 20.27 20.01 -13.18
N TYR B 164 19.32 20.80 -12.67
CA TYR B 164 18.25 21.34 -13.50
C TYR B 164 18.20 22.84 -13.70
N GLY B 165 18.98 23.58 -12.93
CA GLY B 165 19.02 25.04 -12.99
C GLY B 165 17.92 25.65 -12.15
N PRO B 166 17.86 26.96 -12.15
CA PRO B 166 16.81 27.68 -11.43
C PRO B 166 15.53 27.78 -12.25
N PRO B 167 14.45 28.20 -11.60
CA PRO B 167 13.17 28.38 -12.31
C PRO B 167 13.39 29.50 -13.30
N PRO B 168 12.95 29.32 -14.53
CA PRO B 168 13.21 30.30 -15.59
C PRO B 168 12.35 31.54 -15.45
N ASP B 169 11.36 31.51 -14.57
CA ASP B 169 10.52 32.68 -14.46
C ASP B 169 11.06 33.56 -13.35
N SER B 170 12.27 33.27 -12.89
CA SER B 170 12.78 34.05 -11.79
C SER B 170 14.25 34.36 -11.92
N PRO B 171 14.60 35.53 -11.38
CA PRO B 171 15.94 36.16 -11.48
C PRO B 171 16.87 35.57 -10.53
N GLU B 172 18.13 35.59 -10.86
CA GLU B 172 19.09 35.17 -9.90
C GLU B 172 19.73 36.37 -9.24
N THR B 173 19.88 36.26 -7.92
CA THR B 173 20.60 37.23 -7.14
C THR B 173 21.93 37.17 -7.78
#